data_2C5W
#
_entry.id   2C5W
#
_cell.length_a   112.376
_cell.length_b   183.373
_cell.length_c   54.850
_cell.angle_alpha   90.00
_cell.angle_beta   90.00
_cell.angle_gamma   90.00
#
_symmetry.space_group_name_H-M   'C 2 2 21'
#
loop_
_entity.id
_entity.type
_entity.pdbx_description
1 polymer 'PENICILLIN-BINDING PROTEIN 1A'
2 polymer 'PENICILLIN-BINDING PROTEIN 1A'
3 non-polymer 'ZINC ION'
4 non-polymer 'CHLORIDE ION'
5 non-polymer 1,2-ETHANEDIOL
6 non-polymer "CEFOTAXIME, C3' cleaved, open, bound form"
7 water water
#
loop_
_entity_poly.entity_id
_entity_poly.type
_entity_poly.pdbx_seq_one_letter_code
_entity_poly.pdbx_strand_id
1 'polypeptide(L)' TSSKIYDNKNQLIADL A
2 'polypeptide(L)'
;SNYPAYMDNYLKEVINQVEEETGYNLLTTGMDVYTNVDQEAQKHLWDIYNTDEYVAYPDDELQVASTIVDVSNGKVIAQL
GARHQSSNVSFGINQAVETNRDWGSTMKPITDYAPALEYGVYESTATIVHDEPYNYPGTNTPVYNWDRGYFGNITLQYAL
QQSRNVPAVETLNKVGLNRAKTFLNGLGIDYPSIHYSNAISSNTTESDKKYGASSEKMAAAYAAFANGGTYYKPMYIHKV
VFSDGSEKEFSNVGTRAMKETTAYMMTDMMKTVLTYGTGRNAYLAWLPQAGKTGTSNYTDEEIENHIKTSQFVAPDELFA
GYTRKYSMAVWTGYSNRLTPLVGNGLTVAAKVYRSMMTYLSEGSNPEDWNIPEGLYRNGEFVFKN
;
B
#
loop_
_chem_comp.id
_chem_comp.type
_chem_comp.name
_chem_comp.formula
CEF non-polymer 'CEFOTAXIME, C3' cleaved, open, bound form' 'C14 H15 N5 O5 S2'
CL non-polymer 'CHLORIDE ION' 'Cl -1'
EDO non-polymer 1,2-ETHANEDIOL 'C2 H6 O2'
ZN non-polymer 'ZINC ION' 'Zn 2'
#
# COMPACT_ATOMS: atom_id res chain seq x y z
N THR A 1 20.48 -13.56 -28.50
CA THR A 1 19.24 -12.79 -28.16
C THR A 1 19.54 -11.55 -27.32
N SER A 2 19.05 -10.41 -27.79
CA SER A 2 19.24 -9.14 -27.08
C SER A 2 17.98 -8.29 -27.07
N SER A 3 17.60 -7.83 -25.89
CA SER A 3 16.43 -6.98 -25.71
C SER A 3 16.80 -5.71 -24.97
N LYS A 4 16.58 -4.58 -25.62
CA LYS A 4 16.89 -3.30 -25.03
C LYS A 4 15.67 -2.82 -24.23
N ILE A 5 15.93 -2.18 -23.10
CA ILE A 5 14.85 -1.71 -22.25
C ILE A 5 15.03 -0.24 -21.87
N TYR A 6 13.97 0.55 -22.06
CA TYR A 6 13.99 1.99 -21.79
C TYR A 6 13.07 2.41 -20.65
N ASP A 7 13.33 3.59 -20.11
CA ASP A 7 12.52 4.12 -19.02
C ASP A 7 11.33 4.90 -19.56
N ASN A 8 10.77 5.76 -18.74
CA ASN A 8 9.61 6.53 -19.15
C ASN A 8 10.01 7.78 -19.95
N LYS A 9 11.29 8.08 -19.95
CA LYS A 9 11.82 9.22 -20.71
C LYS A 9 12.39 8.64 -22.00
N ASN A 10 12.04 7.38 -22.26
CA ASN A 10 12.49 6.67 -23.44
C ASN A 10 13.99 6.66 -23.64
N GLN A 11 14.73 6.46 -22.55
CA GLN A 11 16.18 6.40 -22.63
C GLN A 11 16.62 5.05 -22.09
N LEU A 12 17.52 4.40 -22.82
CA LEU A 12 18.03 3.08 -22.46
C LEU A 12 18.45 2.94 -21.00
N ILE A 13 18.05 1.84 -20.39
CA ILE A 13 18.40 1.57 -19.01
C ILE A 13 18.91 0.14 -18.83
N ALA A 14 18.73 -0.70 -19.84
CA ALA A 14 19.20 -2.09 -19.77
C ALA A 14 19.20 -2.80 -21.12
N ASP A 15 20.04 -3.83 -21.21
CA ASP A 15 20.17 -4.66 -22.42
C ASP A 15 20.40 -6.09 -21.93
N LEU A 16 19.54 -7.01 -22.36
CA LEU A 16 19.63 -8.41 -21.91
C LEU A 16 19.45 -9.50 -22.96
N SER B 1 29.20 -4.91 -17.19
CA SER B 1 27.89 -4.25 -16.93
C SER B 1 26.77 -4.86 -17.77
N ASN B 2 25.55 -4.83 -17.23
CA ASN B 2 24.38 -5.38 -17.92
C ASN B 2 23.18 -4.47 -17.64
N TYR B 3 22.93 -4.24 -16.35
CA TYR B 3 21.83 -3.37 -15.91
C TYR B 3 22.17 -2.93 -14.48
N PRO B 4 21.85 -1.67 -14.13
CA PRO B 4 22.13 -1.18 -12.77
C PRO B 4 21.46 -2.04 -11.71
N ALA B 5 22.01 -2.01 -10.50
CA ALA B 5 21.45 -2.80 -9.42
C ALA B 5 20.06 -2.33 -9.00
N TYR B 6 19.90 -1.00 -8.92
CA TYR B 6 18.63 -0.41 -8.50
C TYR B 6 17.42 -0.66 -9.40
N MET B 7 17.61 -1.39 -10.50
CA MET B 7 16.49 -1.68 -11.41
C MET B 7 16.19 -3.16 -11.40
N ASP B 8 16.97 -3.93 -10.63
CA ASP B 8 16.78 -5.37 -10.54
C ASP B 8 15.30 -5.70 -10.35
N ASN B 9 14.73 -5.22 -9.24
CA ASN B 9 13.32 -5.46 -8.92
C ASN B 9 12.36 -5.01 -10.01
N TYR B 10 12.54 -3.77 -10.47
CA TYR B 10 11.65 -3.26 -11.49
C TYR B 10 11.71 -4.12 -12.73
N LEU B 11 12.92 -4.35 -13.21
CA LEU B 11 13.17 -5.15 -14.41
C LEU B 11 12.60 -6.56 -14.30
N LYS B 12 12.52 -7.04 -13.07
CA LYS B 12 12.00 -8.38 -12.84
C LYS B 12 10.53 -8.40 -13.22
N GLU B 13 9.78 -7.39 -12.80
CA GLU B 13 8.35 -7.32 -13.10
C GLU B 13 8.10 -7.03 -14.57
N VAL B 14 8.97 -6.24 -15.18
CA VAL B 14 8.83 -5.93 -16.60
C VAL B 14 8.85 -7.24 -17.39
N ILE B 15 9.88 -8.04 -17.16
CA ILE B 15 10.01 -9.34 -17.82
C ILE B 15 8.73 -10.15 -17.64
N ASN B 16 8.20 -10.16 -16.42
CA ASN B 16 6.99 -10.89 -16.12
C ASN B 16 5.74 -10.32 -16.76
N GLN B 17 5.58 -9.00 -16.73
CA GLN B 17 4.39 -8.41 -17.31
C GLN B 17 4.39 -8.60 -18.83
N VAL B 18 5.55 -8.52 -19.45
CA VAL B 18 5.65 -8.73 -20.89
C VAL B 18 5.26 -10.19 -21.16
N GLU B 19 5.75 -11.07 -20.30
CA GLU B 19 5.47 -12.50 -20.40
C GLU B 19 3.97 -12.78 -20.32
N GLU B 20 3.33 -12.28 -19.26
CA GLU B 20 1.90 -12.48 -19.05
C GLU B 20 1.08 -11.93 -20.21
N GLU B 21 1.43 -10.73 -20.66
CA GLU B 21 0.72 -10.06 -21.74
C GLU B 21 0.94 -10.66 -23.13
N THR B 22 2.16 -10.52 -23.64
CA THR B 22 2.50 -11.02 -24.96
C THR B 22 2.69 -12.54 -25.03
N GLY B 23 3.31 -13.11 -24.01
CA GLY B 23 3.53 -14.54 -24.00
C GLY B 23 4.97 -14.88 -24.34
N TYR B 24 5.81 -13.87 -24.48
CA TYR B 24 7.21 -14.08 -24.81
C TYR B 24 8.13 -13.64 -23.70
N ASN B 25 9.19 -14.42 -23.48
CA ASN B 25 10.18 -14.12 -22.45
C ASN B 25 11.32 -13.34 -23.10
N LEU B 26 11.32 -12.03 -22.90
CA LEU B 26 12.33 -11.16 -23.48
C LEU B 26 13.79 -11.48 -23.14
N LEU B 27 14.04 -12.53 -22.38
CA LEU B 27 15.41 -12.89 -22.04
C LEU B 27 15.98 -13.82 -23.09
N THR B 28 15.07 -14.43 -23.86
CA THR B 28 15.42 -15.37 -24.91
C THR B 28 14.81 -14.91 -26.23
N THR B 29 14.14 -13.77 -26.21
CA THR B 29 13.50 -13.24 -27.41
C THR B 29 13.74 -11.74 -27.55
N GLY B 30 14.37 -11.36 -28.66
CA GLY B 30 14.67 -9.96 -28.92
C GLY B 30 13.47 -9.02 -28.99
N MET B 31 13.52 -7.98 -28.16
CA MET B 31 12.46 -6.98 -28.10
C MET B 31 12.97 -5.68 -27.51
N ASP B 32 12.30 -4.59 -27.85
CA ASP B 32 12.62 -3.27 -27.32
C ASP B 32 11.44 -2.95 -26.40
N VAL B 33 11.72 -2.73 -25.13
CA VAL B 33 10.66 -2.45 -24.18
C VAL B 33 10.74 -1.07 -23.54
N TYR B 34 9.64 -0.34 -23.64
CA TYR B 34 9.58 0.99 -23.05
C TYR B 34 8.73 0.90 -21.78
N THR B 35 9.38 1.14 -20.65
CA THR B 35 8.73 1.03 -19.36
C THR B 35 8.28 2.34 -18.74
N ASN B 36 7.58 2.23 -17.62
CA ASN B 36 7.03 3.38 -16.91
C ASN B 36 7.92 3.86 -15.77
N VAL B 37 9.03 3.18 -15.51
CA VAL B 37 9.89 3.57 -14.41
C VAL B 37 10.51 4.95 -14.61
N ASP B 38 10.45 5.75 -13.56
CA ASP B 38 11.01 7.10 -13.55
C ASP B 38 12.41 6.99 -12.97
N GLN B 39 13.38 6.71 -13.84
CA GLN B 39 14.77 6.55 -13.44
C GLN B 39 15.26 7.42 -12.28
N GLU B 40 15.01 8.72 -12.36
CA GLU B 40 15.46 9.60 -11.28
C GLU B 40 14.79 9.28 -9.95
N ALA B 41 13.51 8.94 -10.00
CA ALA B 41 12.79 8.59 -8.79
C ALA B 41 13.39 7.32 -8.20
N GLN B 42 13.63 6.34 -9.07
CA GLN B 42 14.22 5.07 -8.65
C GLN B 42 15.51 5.33 -7.88
N LYS B 43 16.43 6.04 -8.52
CA LYS B 43 17.71 6.36 -7.90
C LYS B 43 17.52 6.93 -6.51
N HIS B 44 16.64 7.93 -6.39
CA HIS B 44 16.42 8.57 -5.10
C HIS B 44 15.91 7.59 -4.05
N LEU B 45 14.96 6.75 -4.45
CA LEU B 45 14.39 5.77 -3.54
C LEU B 45 15.49 4.85 -3.03
N TRP B 46 16.39 4.46 -3.94
CA TRP B 46 17.51 3.58 -3.62
C TRP B 46 18.38 4.19 -2.52
N ASP B 47 18.61 5.50 -2.61
CA ASP B 47 19.43 6.16 -1.61
C ASP B 47 18.73 6.23 -0.27
N ILE B 48 17.42 6.45 -0.28
CA ILE B 48 16.65 6.51 0.95
C ILE B 48 16.80 5.15 1.64
N TYR B 49 16.73 4.10 0.84
CA TYR B 49 16.87 2.73 1.29
C TYR B 49 18.26 2.37 1.79
N ASN B 50 19.26 2.59 0.94
CA ASN B 50 20.63 2.22 1.26
C ASN B 50 21.61 3.24 1.81
N THR B 51 21.13 4.41 2.23
CA THR B 51 22.03 5.40 2.81
C THR B 51 21.42 5.91 4.10
N ASP B 52 22.17 6.72 4.84
CA ASP B 52 21.68 7.28 6.10
C ASP B 52 21.43 8.77 5.93
N GLU B 53 21.36 9.20 4.67
CA GLU B 53 21.14 10.60 4.33
C GLU B 53 19.69 11.03 4.54
N TYR B 54 18.77 10.06 4.57
CA TYR B 54 17.34 10.40 4.74
C TYR B 54 16.62 9.78 5.93
N VAL B 55 16.97 8.54 6.30
CA VAL B 55 16.31 7.90 7.43
C VAL B 55 17.28 7.10 8.32
N ALA B 56 17.15 7.29 9.62
CA ALA B 56 18.00 6.61 10.58
C ALA B 56 17.52 5.20 10.87
N TYR B 57 18.23 4.20 10.34
CA TYR B 57 17.88 2.81 10.56
C TYR B 57 18.55 2.27 11.81
N PRO B 58 17.94 1.25 12.44
CA PRO B 58 18.52 0.65 13.64
C PRO B 58 19.66 -0.31 13.29
N ASP B 59 19.72 -0.70 12.02
CA ASP B 59 20.77 -1.60 11.52
C ASP B 59 20.66 -1.78 10.00
N ASP B 60 21.51 -2.63 9.43
CA ASP B 60 21.50 -2.86 7.99
C ASP B 60 20.61 -4.02 7.54
N GLU B 61 20.23 -4.91 8.45
CA GLU B 61 19.40 -6.05 8.07
C GLU B 61 17.90 -5.77 8.04
N LEU B 62 17.46 -4.71 8.70
CA LEU B 62 16.04 -4.35 8.71
C LEU B 62 15.64 -4.17 7.25
N GLN B 63 14.50 -4.73 6.86
CA GLN B 63 14.04 -4.65 5.49
C GLN B 63 12.95 -3.64 5.19
N VAL B 64 12.83 -3.32 3.91
CA VAL B 64 11.83 -2.37 3.42
C VAL B 64 11.48 -2.77 2.00
N ALA B 65 10.25 -2.52 1.59
CA ALA B 65 9.79 -2.83 0.24
C ALA B 65 8.62 -1.92 -0.04
N SER B 66 8.68 -1.20 -1.15
CA SER B 66 7.61 -0.30 -1.50
C SER B 66 7.40 -0.17 -2.98
N THR B 67 6.26 0.41 -3.34
CA THR B 67 5.91 0.64 -4.72
C THR B 67 5.23 2.00 -4.81
N ILE B 68 5.60 2.78 -5.83
CA ILE B 68 5.00 4.09 -6.03
C ILE B 68 4.20 4.01 -7.30
N VAL B 69 2.96 4.46 -7.24
CA VAL B 69 2.07 4.42 -8.40
C VAL B 69 1.57 5.82 -8.79
N ASP B 70 1.32 5.99 -10.07
CA ASP B 70 0.77 7.23 -10.62
C ASP B 70 -0.74 6.99 -10.52
N VAL B 71 -1.39 7.72 -9.62
CA VAL B 71 -2.82 7.54 -9.39
C VAL B 71 -3.74 7.87 -10.57
N SER B 72 -3.19 8.42 -11.64
CA SER B 72 -4.00 8.77 -12.79
C SER B 72 -4.05 7.70 -13.87
N ASN B 73 -3.09 6.78 -13.85
CA ASN B 73 -3.01 5.71 -14.84
C ASN B 73 -2.55 4.36 -14.29
N GLY B 74 -2.16 4.32 -13.03
CA GLY B 74 -1.73 3.07 -12.44
C GLY B 74 -0.31 2.67 -12.80
N LYS B 75 0.41 3.57 -13.46
CA LYS B 75 1.79 3.28 -13.85
C LYS B 75 2.68 3.23 -12.60
N VAL B 76 3.50 2.19 -12.52
CA VAL B 76 4.42 2.04 -11.39
C VAL B 76 5.69 2.77 -11.80
N ILE B 77 5.95 3.89 -11.16
CA ILE B 77 7.10 4.69 -11.51
C ILE B 77 8.35 4.34 -10.75
N ALA B 78 8.22 3.62 -9.64
CA ALA B 78 9.37 3.24 -8.85
C ALA B 78 9.05 2.06 -7.93
N GLN B 79 9.98 1.12 -7.80
CA GLN B 79 9.75 -0.04 -6.96
C GLN B 79 11.06 -0.64 -6.46
N LEU B 80 11.07 -1.03 -5.19
CA LEU B 80 12.26 -1.63 -4.58
C LEU B 80 11.86 -2.52 -3.41
N GLY B 81 12.17 -3.81 -3.54
CA GLY B 81 11.79 -4.79 -2.52
C GLY B 81 12.72 -5.16 -1.38
N ALA B 82 13.91 -4.58 -1.33
CA ALA B 82 14.85 -4.89 -0.24
C ALA B 82 15.94 -3.84 -0.14
N ARG B 83 16.64 -3.81 0.99
CA ARG B 83 17.72 -2.84 1.18
C ARG B 83 18.97 -3.54 1.72
N HIS B 84 20.14 -3.05 1.30
CA HIS B 84 21.42 -3.63 1.71
C HIS B 84 21.46 -5.13 1.49
N GLN B 85 20.78 -5.57 0.44
CA GLN B 85 20.73 -6.99 0.13
C GLN B 85 21.45 -7.16 -1.19
N SER B 86 22.74 -7.49 -1.12
CA SER B 86 23.54 -7.66 -2.32
C SER B 86 24.00 -9.10 -2.55
N SER B 87 23.03 -10.01 -2.61
CA SER B 87 23.32 -11.42 -2.87
C SER B 87 23.10 -11.59 -4.37
N ASN B 88 23.85 -10.81 -5.14
CA ASN B 88 23.74 -10.81 -6.58
C ASN B 88 23.48 -12.11 -7.33
N VAL B 89 22.25 -12.17 -7.78
CA VAL B 89 21.67 -13.24 -8.58
C VAL B 89 20.60 -12.34 -9.17
N SER B 90 20.40 -12.38 -10.46
CA SER B 90 19.42 -11.48 -11.05
C SER B 90 17.97 -11.92 -10.98
N PHE B 91 17.11 -10.94 -10.74
CA PHE B 91 15.68 -11.15 -10.68
C PHE B 91 15.26 -12.17 -9.65
N GLY B 92 15.79 -12.00 -8.45
CA GLY B 92 15.43 -12.89 -7.36
C GLY B 92 14.06 -12.46 -6.86
N ILE B 93 13.62 -13.03 -5.75
CA ILE B 93 12.33 -12.70 -5.20
C ILE B 93 12.23 -11.21 -4.86
N ASN B 94 11.24 -10.55 -5.47
CA ASN B 94 10.99 -9.13 -5.26
C ASN B 94 9.87 -8.98 -4.22
N GLN B 95 10.25 -8.65 -2.99
CA GLN B 95 9.31 -8.54 -1.89
C GLN B 95 8.21 -7.48 -2.07
N ALA B 96 8.43 -6.54 -2.98
CA ALA B 96 7.45 -5.49 -3.19
C ALA B 96 6.15 -6.06 -3.75
N VAL B 97 6.25 -7.25 -4.32
CA VAL B 97 5.13 -7.90 -4.96
C VAL B 97 4.61 -9.15 -4.25
N GLU B 98 5.35 -9.62 -3.25
CA GLU B 98 4.96 -10.81 -2.50
C GLU B 98 3.87 -10.48 -1.50
N THR B 99 2.89 -11.38 -1.38
CA THR B 99 1.79 -11.15 -0.46
C THR B 99 1.88 -12.09 0.74
N ASN B 100 3.09 -12.42 1.16
CA ASN B 100 3.28 -13.34 2.28
C ASN B 100 3.26 -12.65 3.65
N ARG B 101 3.37 -11.33 3.66
CA ARG B 101 3.39 -10.58 4.91
C ARG B 101 2.08 -9.87 5.18
N ASP B 102 1.73 -9.76 6.46
CA ASP B 102 0.51 -9.10 6.90
C ASP B 102 0.58 -7.57 6.77
N TRP B 103 -0.44 -6.95 6.20
CA TRP B 103 -0.49 -5.49 6.06
C TRP B 103 -1.39 -4.83 7.11
N GLY B 104 -1.83 -5.65 8.06
CA GLY B 104 -2.65 -5.16 9.15
C GLY B 104 -3.70 -4.11 8.83
N SER B 105 -3.76 -3.09 9.67
CA SER B 105 -4.72 -2.02 9.53
C SER B 105 -4.79 -1.30 8.18
N THR B 106 -3.76 -1.43 7.35
CA THR B 106 -3.86 -0.73 6.07
C THR B 106 -5.03 -1.36 5.33
N MET B 107 -5.53 -2.47 5.84
CA MET B 107 -6.65 -3.15 5.22
C MET B 107 -7.99 -2.55 5.65
N LYS B 108 -8.02 -1.85 6.77
CA LYS B 108 -9.26 -1.26 7.27
C LYS B 108 -9.97 -0.31 6.32
N PRO B 109 -9.23 0.63 5.72
CA PRO B 109 -9.87 1.58 4.80
C PRO B 109 -10.57 0.93 3.62
N ILE B 110 -9.91 -0.05 3.00
CA ILE B 110 -10.44 -0.72 1.83
C ILE B 110 -11.33 -1.91 2.08
N THR B 111 -11.25 -2.49 3.27
CA THR B 111 -12.02 -3.68 3.59
C THR B 111 -13.23 -3.40 4.46
N ASP B 112 -13.19 -2.31 5.25
CA ASP B 112 -14.29 -2.02 6.13
C ASP B 112 -15.00 -0.69 5.91
N TYR B 113 -14.22 0.39 5.97
CA TYR B 113 -14.76 1.73 5.84
C TYR B 113 -15.20 2.21 4.47
N ALA B 114 -14.37 1.99 3.46
CA ALA B 114 -14.77 2.40 2.12
C ALA B 114 -16.12 1.75 1.79
N PRO B 115 -16.24 0.41 1.93
CA PRO B 115 -17.49 -0.31 1.64
C PRO B 115 -18.67 0.20 2.48
N ALA B 116 -18.40 0.54 3.73
CA ALA B 116 -19.45 1.01 4.61
C ALA B 116 -20.11 2.30 4.10
N LEU B 117 -19.30 3.31 3.77
CA LEU B 117 -19.80 4.58 3.26
C LEU B 117 -20.38 4.38 1.87
N GLU B 118 -19.73 3.51 1.10
CA GLU B 118 -20.14 3.20 -0.25
C GLU B 118 -21.55 2.61 -0.28
N TYR B 119 -21.82 1.66 0.61
CA TYR B 119 -23.12 0.98 0.64
C TYR B 119 -24.16 1.57 1.58
N GLY B 120 -23.85 2.73 2.16
CA GLY B 120 -24.81 3.38 3.04
C GLY B 120 -24.87 2.92 4.48
N VAL B 121 -23.88 2.16 4.94
CA VAL B 121 -23.88 1.71 6.32
C VAL B 121 -23.65 2.90 7.26
N TYR B 122 -22.92 3.90 6.78
CA TYR B 122 -22.63 5.12 7.54
C TYR B 122 -22.86 6.27 6.58
N GLU B 123 -23.42 7.37 7.09
CA GLU B 123 -23.73 8.50 6.24
C GLU B 123 -22.73 9.66 6.34
N SER B 124 -21.83 9.58 7.31
CA SER B 124 -20.86 10.65 7.49
C SER B 124 -19.62 10.21 8.23
N THR B 125 -18.62 11.08 8.23
CA THR B 125 -17.38 10.79 8.91
C THR B 125 -17.53 11.07 10.40
N ALA B 126 -18.66 11.68 10.78
CA ALA B 126 -18.93 12.00 12.17
C ALA B 126 -19.69 10.87 12.87
N THR B 127 -20.27 9.98 12.06
CA THR B 127 -21.03 8.85 12.57
C THR B 127 -20.35 8.26 13.81
N ILE B 128 -21.14 7.94 14.83
CA ILE B 128 -20.64 7.36 16.06
C ILE B 128 -20.54 5.83 15.98
N VAL B 129 -19.32 5.31 16.17
CA VAL B 129 -19.08 3.86 16.13
C VAL B 129 -18.89 3.37 17.56
N HIS B 130 -18.65 2.08 17.74
CA HIS B 130 -18.52 1.53 19.08
C HIS B 130 -17.24 0.77 19.38
N ASP B 131 -16.37 1.37 20.18
CA ASP B 131 -15.12 0.74 20.59
C ASP B 131 -15.37 0.21 21.99
N GLU B 132 -16.09 -0.90 22.08
CA GLU B 132 -16.44 -1.52 23.35
C GLU B 132 -16.18 -3.02 23.24
N PRO B 133 -16.13 -3.73 24.38
CA PRO B 133 -15.89 -5.18 24.34
C PRO B 133 -16.77 -5.78 23.26
N TYR B 134 -16.16 -6.55 22.37
CA TYR B 134 -16.87 -7.11 21.23
C TYR B 134 -16.16 -8.37 20.78
N ASN B 135 -16.92 -9.41 20.46
CA ASN B 135 -16.32 -10.68 20.00
C ASN B 135 -16.52 -10.89 18.50
N TYR B 136 -15.56 -11.56 17.87
CA TYR B 136 -15.67 -11.83 16.44
C TYR B 136 -17.02 -12.50 16.20
N PRO B 137 -17.81 -11.94 15.29
CA PRO B 137 -19.13 -12.48 14.96
C PRO B 137 -19.16 -14.02 14.91
N GLY B 138 -20.17 -14.60 15.56
CA GLY B 138 -20.32 -16.05 15.57
C GLY B 138 -19.39 -16.82 16.49
N THR B 139 -18.61 -16.11 17.30
CA THR B 139 -17.68 -16.76 18.21
C THR B 139 -17.63 -15.99 19.51
N ASN B 140 -16.99 -16.57 20.51
CA ASN B 140 -16.84 -15.93 21.81
C ASN B 140 -15.43 -15.39 21.93
N THR B 141 -14.69 -15.42 20.82
CA THR B 141 -13.33 -14.91 20.77
C THR B 141 -13.41 -13.38 20.75
N PRO B 142 -12.78 -12.71 21.73
CA PRO B 142 -12.85 -11.25 21.75
C PRO B 142 -11.89 -10.53 20.80
N VAL B 143 -12.37 -9.41 20.26
CA VAL B 143 -11.59 -8.58 19.37
C VAL B 143 -10.88 -7.58 20.26
N TYR B 144 -9.55 -7.66 20.32
CA TYR B 144 -8.79 -6.76 21.18
C TYR B 144 -8.14 -5.59 20.46
N ASN B 145 -8.05 -4.45 21.16
CA ASN B 145 -7.37 -3.29 20.63
C ASN B 145 -5.95 -3.51 21.17
N TRP B 146 -4.96 -2.87 20.57
CA TRP B 146 -3.57 -3.03 21.01
C TRP B 146 -3.37 -2.79 22.50
N ASP B 147 -4.07 -1.81 23.05
CA ASP B 147 -3.98 -1.47 24.48
C ASP B 147 -4.98 -2.27 25.30
N ARG B 148 -5.58 -3.28 24.68
CA ARG B 148 -6.59 -4.10 25.34
C ARG B 148 -7.60 -3.22 26.09
N GLY B 149 -7.79 -2.00 25.62
CA GLY B 149 -8.74 -1.09 26.26
C GLY B 149 -9.82 -0.66 25.29
N TYR B 150 -10.75 0.17 25.75
CA TYR B 150 -11.84 0.65 24.91
C TYR B 150 -12.18 2.14 25.14
N PHE B 151 -12.36 2.87 24.04
CA PHE B 151 -12.68 4.29 24.11
C PHE B 151 -14.17 4.55 24.18
N GLY B 152 -14.97 3.53 23.86
CA GLY B 152 -16.41 3.71 23.90
C GLY B 152 -16.95 4.41 22.66
N ASN B 153 -17.93 5.29 22.83
CA ASN B 153 -18.51 6.00 21.70
C ASN B 153 -17.58 7.05 21.11
N ILE B 154 -17.05 6.77 19.92
CA ILE B 154 -16.16 7.71 19.24
C ILE B 154 -16.67 7.81 17.81
N THR B 155 -16.22 8.83 17.09
CA THR B 155 -16.66 9.04 15.69
C THR B 155 -15.90 8.15 14.73
N LEU B 156 -16.47 7.94 13.55
CA LEU B 156 -15.86 7.11 12.52
C LEU B 156 -14.45 7.60 12.20
N GLN B 157 -14.31 8.91 12.05
CA GLN B 157 -13.02 9.50 11.74
C GLN B 157 -11.99 9.25 12.85
N TYR B 158 -12.44 9.25 14.10
CA TYR B 158 -11.54 9.04 15.23
C TYR B 158 -11.17 7.56 15.39
N ALA B 159 -12.10 6.67 15.05
CA ALA B 159 -11.84 5.24 15.14
C ALA B 159 -10.73 4.88 14.17
N LEU B 160 -10.77 5.50 12.98
CA LEU B 160 -9.76 5.27 11.95
C LEU B 160 -8.43 5.87 12.36
N GLN B 161 -8.51 7.11 12.80
CA GLN B 161 -7.37 7.89 13.23
C GLN B 161 -6.50 7.12 14.23
N GLN B 162 -7.11 6.57 15.27
CA GLN B 162 -6.40 5.83 16.31
C GLN B 162 -6.29 4.35 15.98
N SER B 163 -6.89 3.96 14.87
CA SER B 163 -6.87 2.57 14.41
C SER B 163 -7.35 1.59 15.47
N ARG B 164 -8.60 1.76 15.88
CA ARG B 164 -9.22 0.91 16.87
C ARG B 164 -9.75 -0.33 16.16
N ASN B 165 -9.36 -1.51 16.64
CA ASN B 165 -9.78 -2.76 16.01
C ASN B 165 -11.27 -3.10 16.10
N VAL B 166 -11.86 -2.94 17.28
CA VAL B 166 -13.26 -3.28 17.49
C VAL B 166 -14.17 -2.67 16.45
N PRO B 167 -14.13 -1.34 16.27
CA PRO B 167 -14.99 -0.68 15.28
C PRO B 167 -14.79 -1.25 13.86
N ALA B 168 -13.54 -1.58 13.52
CA ALA B 168 -13.23 -2.11 12.20
C ALA B 168 -13.87 -3.48 11.96
N VAL B 169 -13.71 -4.41 12.90
CA VAL B 169 -14.31 -5.72 12.73
C VAL B 169 -15.81 -5.55 12.70
N GLU B 170 -16.35 -4.82 13.68
CA GLU B 170 -17.79 -4.58 13.73
C GLU B 170 -18.31 -4.02 12.40
N THR B 171 -17.62 -3.02 11.85
CA THR B 171 -18.00 -2.43 10.56
C THR B 171 -18.06 -3.50 9.46
N LEU B 172 -17.08 -4.41 9.46
CA LEU B 172 -17.02 -5.46 8.45
C LEU B 172 -18.22 -6.38 8.57
N ASN B 173 -18.78 -6.47 9.77
CA ASN B 173 -19.94 -7.32 9.96
C ASN B 173 -21.17 -6.65 9.33
N LYS B 174 -21.27 -5.34 9.52
CA LYS B 174 -22.39 -4.59 8.98
C LYS B 174 -22.32 -4.47 7.46
N VAL B 175 -21.12 -4.42 6.92
CA VAL B 175 -20.98 -4.35 5.46
C VAL B 175 -21.31 -5.70 4.83
N GLY B 176 -20.98 -6.78 5.52
CA GLY B 176 -21.26 -8.10 4.98
C GLY B 176 -20.01 -8.62 4.30
N LEU B 177 -19.60 -9.82 4.67
CA LEU B 177 -18.40 -10.44 4.11
C LEU B 177 -18.38 -10.53 2.59
N ASN B 178 -19.45 -11.07 2.02
CA ASN B 178 -19.49 -11.22 0.58
C ASN B 178 -19.30 -9.93 -0.20
N ARG B 179 -20.02 -8.86 0.15
CA ARG B 179 -19.80 -7.65 -0.63
C ARG B 179 -18.56 -6.87 -0.25
N ALA B 180 -17.96 -7.23 0.90
CA ALA B 180 -16.71 -6.60 1.31
C ALA B 180 -15.65 -7.20 0.39
N LYS B 181 -15.77 -8.50 0.17
CA LYS B 181 -14.87 -9.24 -0.69
C LYS B 181 -15.02 -8.78 -2.15
N THR B 182 -16.24 -8.44 -2.55
CA THR B 182 -16.48 -7.99 -3.92
C THR B 182 -15.91 -6.61 -4.11
N PHE B 183 -15.96 -5.81 -3.05
CA PHE B 183 -15.45 -4.45 -3.08
C PHE B 183 -13.93 -4.44 -3.21
N LEU B 184 -13.27 -5.45 -2.65
CA LEU B 184 -11.81 -5.54 -2.73
C LEU B 184 -11.43 -5.95 -4.14
N ASN B 185 -12.27 -6.76 -4.77
CA ASN B 185 -11.99 -7.18 -6.14
C ASN B 185 -11.92 -5.94 -7.02
N GLY B 186 -12.75 -4.95 -6.69
CA GLY B 186 -12.76 -3.71 -7.46
C GLY B 186 -11.43 -2.98 -7.35
N LEU B 187 -10.65 -3.33 -6.32
CA LEU B 187 -9.37 -2.70 -6.07
C LEU B 187 -8.18 -3.64 -6.28
N GLY B 188 -8.40 -4.73 -7.01
CA GLY B 188 -7.33 -5.68 -7.27
C GLY B 188 -6.98 -6.67 -6.17
N ILE B 189 -7.60 -6.54 -5.01
CA ILE B 189 -7.29 -7.45 -3.90
C ILE B 189 -8.33 -8.55 -3.71
N ASP B 190 -7.87 -9.75 -3.42
CA ASP B 190 -8.78 -10.88 -3.23
C ASP B 190 -8.24 -11.93 -2.25
N TYR B 191 -9.16 -12.73 -1.68
CA TYR B 191 -8.82 -13.80 -0.74
C TYR B 191 -9.50 -15.09 -1.21
N PRO B 192 -8.97 -16.26 -0.82
CA PRO B 192 -9.61 -17.51 -1.24
C PRO B 192 -11.01 -17.46 -0.66
N SER B 193 -11.07 -17.24 0.65
CA SER B 193 -12.31 -17.11 1.40
C SER B 193 -12.02 -15.98 2.38
N ILE B 194 -12.91 -15.00 2.47
CA ILE B 194 -12.70 -13.88 3.38
C ILE B 194 -13.29 -14.19 4.76
N HIS B 195 -12.60 -13.75 5.81
CA HIS B 195 -13.03 -13.99 7.19
C HIS B 195 -12.94 -12.68 7.97
N TYR B 196 -13.68 -12.58 9.08
CA TYR B 196 -13.68 -11.35 9.86
C TYR B 196 -12.29 -10.91 10.27
N SER B 197 -11.40 -11.86 10.47
CA SER B 197 -10.04 -11.54 10.85
C SER B 197 -9.42 -10.57 9.84
N ASN B 198 -9.86 -10.68 8.59
CA ASN B 198 -9.38 -9.84 7.50
C ASN B 198 -9.83 -8.39 7.59
N ALA B 199 -10.58 -8.07 8.63
CA ALA B 199 -11.03 -6.69 8.83
C ALA B 199 -9.82 -5.89 9.27
N ILE B 200 -8.79 -6.58 9.76
CA ILE B 200 -7.60 -5.90 10.25
C ILE B 200 -6.33 -6.66 9.94
N SER B 201 -6.42 -7.64 9.05
CA SER B 201 -5.28 -8.46 8.67
C SER B 201 -5.44 -8.88 7.23
N SER B 202 -4.33 -8.95 6.50
CA SER B 202 -4.37 -9.36 5.10
C SER B 202 -3.98 -10.82 5.08
N ASN B 203 -3.74 -11.35 6.28
CA ASN B 203 -3.34 -12.74 6.41
C ASN B 203 -4.41 -13.65 5.83
N THR B 204 -4.01 -14.45 4.86
CA THR B 204 -4.96 -15.36 4.22
C THR B 204 -4.44 -16.78 4.27
N THR B 205 -5.36 -17.73 4.11
CA THR B 205 -5.04 -19.16 4.16
C THR B 205 -4.22 -19.66 2.97
N GLU B 206 -4.55 -19.23 1.77
CA GLU B 206 -3.79 -19.68 0.62
C GLU B 206 -2.72 -18.68 0.27
N SER B 207 -1.56 -19.18 -0.14
CA SER B 207 -0.44 -18.33 -0.47
C SER B 207 -0.17 -18.22 -1.97
N ASP B 208 -0.74 -17.20 -2.58
CA ASP B 208 -0.53 -16.92 -4.00
C ASP B 208 -0.11 -15.49 -4.11
N LYS B 209 0.23 -15.06 -5.31
CA LYS B 209 0.63 -13.68 -5.51
C LYS B 209 -0.66 -12.87 -5.54
N LYS B 210 -1.77 -13.55 -5.84
CA LYS B 210 -3.06 -12.88 -5.93
C LYS B 210 -3.81 -12.71 -4.63
N TYR B 211 -3.69 -13.67 -3.73
CA TYR B 211 -4.38 -13.56 -2.46
C TYR B 211 -3.54 -12.79 -1.45
N GLY B 212 -4.19 -11.88 -0.74
CA GLY B 212 -3.47 -11.11 0.25
C GLY B 212 -3.09 -9.74 -0.29
N ALA B 213 -2.13 -9.12 0.38
CA ALA B 213 -1.69 -7.80 0.01
C ALA B 213 -0.16 -7.68 -0.09
N SER B 214 0.29 -6.76 -0.95
CA SER B 214 1.71 -6.49 -1.16
C SER B 214 1.82 -5.01 -1.43
N SER B 215 3.04 -4.45 -1.35
CA SER B 215 3.21 -3.02 -1.61
C SER B 215 2.61 -2.67 -2.96
N GLU B 216 2.86 -3.52 -3.95
CA GLU B 216 2.33 -3.31 -5.29
C GLU B 216 0.81 -3.14 -5.25
N LYS B 217 0.11 -4.12 -4.71
CA LYS B 217 -1.35 -4.07 -4.65
C LYS B 217 -1.94 -2.97 -3.76
N MET B 218 -1.29 -2.69 -2.64
CA MET B 218 -1.77 -1.66 -1.73
C MET B 218 -1.70 -0.28 -2.35
N ALA B 219 -0.64 -0.02 -3.09
CA ALA B 219 -0.46 1.27 -3.75
C ALA B 219 -1.54 1.48 -4.82
N ALA B 220 -1.81 0.44 -5.61
CA ALA B 220 -2.83 0.53 -6.65
C ALA B 220 -4.20 0.77 -6.02
N ALA B 221 -4.43 0.09 -4.90
CA ALA B 221 -5.68 0.21 -4.18
C ALA B 221 -5.89 1.64 -3.67
N TYR B 222 -4.92 2.16 -2.94
CA TYR B 222 -5.01 3.51 -2.41
C TYR B 222 -5.01 4.59 -3.48
N ALA B 223 -4.48 4.25 -4.65
CA ALA B 223 -4.46 5.20 -5.75
C ALA B 223 -5.91 5.52 -6.08
N ALA B 224 -6.77 4.52 -5.89
CA ALA B 224 -8.19 4.67 -6.16
C ALA B 224 -8.82 5.75 -5.31
N PHE B 225 -8.33 5.95 -4.08
CA PHE B 225 -8.86 7.00 -3.20
C PHE B 225 -8.47 8.35 -3.77
N ALA B 226 -7.18 8.49 -4.06
CA ALA B 226 -6.60 9.71 -4.56
C ALA B 226 -7.21 10.26 -5.85
N ASN B 227 -7.53 9.41 -6.81
CA ASN B 227 -8.07 9.93 -8.06
C ASN B 227 -9.58 10.06 -8.13
N GLY B 228 -10.27 9.73 -7.04
CA GLY B 228 -11.72 9.86 -7.07
C GLY B 228 -12.53 8.58 -7.17
N GLY B 229 -11.89 7.45 -6.89
CA GLY B 229 -12.60 6.19 -6.91
C GLY B 229 -12.38 5.31 -8.13
N THR B 230 -11.24 5.47 -8.80
CA THR B 230 -10.98 4.65 -9.98
C THR B 230 -9.74 3.79 -9.81
N TYR B 231 -9.88 2.50 -10.07
CA TYR B 231 -8.79 1.57 -9.93
C TYR B 231 -8.10 1.23 -11.26
N TYR B 232 -6.79 1.43 -11.29
CA TYR B 232 -5.97 1.10 -12.45
C TYR B 232 -5.06 -0.07 -12.13
N LYS B 233 -5.09 -1.08 -12.99
CA LYS B 233 -4.24 -2.26 -12.85
C LYS B 233 -2.80 -1.71 -12.92
N PRO B 234 -1.93 -2.10 -11.97
CA PRO B 234 -0.54 -1.62 -11.97
C PRO B 234 0.20 -1.99 -13.26
N MET B 235 0.89 -1.02 -13.85
CA MET B 235 1.61 -1.27 -15.10
C MET B 235 3.10 -0.93 -15.05
N TYR B 236 3.92 -1.81 -15.61
CA TYR B 236 5.36 -1.60 -15.63
C TYR B 236 5.81 -1.28 -17.06
N ILE B 237 5.01 -1.71 -18.02
CA ILE B 237 5.34 -1.47 -19.42
C ILE B 237 4.20 -0.78 -20.16
N HIS B 238 4.53 0.09 -21.11
CA HIS B 238 3.48 0.73 -21.90
C HIS B 238 3.66 0.51 -23.40
N LYS B 239 4.76 -0.15 -23.79
CA LYS B 239 5.02 -0.42 -25.20
C LYS B 239 6.22 -1.32 -25.43
N VAL B 240 6.09 -2.23 -26.39
CA VAL B 240 7.16 -3.14 -26.76
C VAL B 240 7.26 -3.16 -28.27
N VAL B 241 8.48 -3.29 -28.78
CA VAL B 241 8.73 -3.31 -30.22
C VAL B 241 9.42 -4.62 -30.61
N PHE B 242 8.75 -5.47 -31.37
CA PHE B 242 9.35 -6.74 -31.76
C PHE B 242 10.39 -6.51 -32.85
N SER B 243 11.39 -7.40 -32.90
CA SER B 243 12.47 -7.30 -33.87
C SER B 243 11.97 -7.17 -35.31
N ASP B 244 10.69 -7.43 -35.55
CA ASP B 244 10.16 -7.33 -36.91
C ASP B 244 9.71 -5.90 -37.25
N GLY B 245 9.10 -5.19 -36.30
CA GLY B 245 8.68 -3.83 -36.58
C GLY B 245 7.30 -3.51 -36.07
N SER B 246 6.49 -4.54 -35.84
CA SER B 246 5.15 -4.37 -35.32
C SER B 246 5.26 -4.11 -33.82
N GLU B 247 4.39 -3.26 -33.28
CA GLU B 247 4.45 -2.94 -31.85
C GLU B 247 3.16 -3.23 -31.08
N LYS B 248 3.29 -3.19 -29.75
CA LYS B 248 2.16 -3.43 -28.86
C LYS B 248 2.08 -2.32 -27.81
N GLU B 249 0.91 -1.72 -27.70
CA GLU B 249 0.66 -0.64 -26.76
C GLU B 249 -0.25 -1.20 -25.66
N PHE B 250 0.11 -0.93 -24.40
CA PHE B 250 -0.68 -1.41 -23.27
C PHE B 250 -1.49 -0.30 -22.63
N SER B 251 -2.81 -0.50 -22.68
CA SER B 251 -3.80 0.46 -22.17
C SER B 251 -3.98 0.52 -20.65
N ASN B 252 -4.12 1.75 -20.16
CA ASN B 252 -4.32 2.00 -18.74
C ASN B 252 -5.81 2.23 -18.48
N VAL B 253 -6.62 1.22 -18.78
CA VAL B 253 -8.07 1.32 -18.58
C VAL B 253 -8.43 1.22 -17.10
N GLY B 254 -9.18 2.21 -16.62
CA GLY B 254 -9.57 2.22 -15.22
C GLY B 254 -11.02 1.88 -14.96
N THR B 255 -11.30 1.20 -13.86
CA THR B 255 -12.65 0.81 -13.52
C THR B 255 -13.06 1.48 -12.22
N ARG B 256 -14.23 2.10 -12.20
CA ARG B 256 -14.68 2.72 -10.96
C ARG B 256 -14.92 1.65 -9.91
N ALA B 257 -14.28 1.81 -8.76
CA ALA B 257 -14.41 0.85 -7.67
C ALA B 257 -15.18 1.43 -6.49
N MET B 258 -15.42 2.74 -6.50
CA MET B 258 -16.18 3.40 -5.42
C MET B 258 -16.59 4.79 -5.88
N LYS B 259 -17.65 5.31 -5.28
CA LYS B 259 -18.14 6.63 -5.64
C LYS B 259 -17.16 7.74 -5.29
N GLU B 260 -17.29 8.83 -6.04
CA GLU B 260 -16.49 10.03 -5.86
C GLU B 260 -16.61 10.50 -4.40
N THR B 261 -17.83 10.40 -3.86
CA THR B 261 -18.13 10.82 -2.48
C THR B 261 -17.43 9.94 -1.43
N THR B 262 -17.40 8.65 -1.69
CA THR B 262 -16.76 7.72 -0.77
C THR B 262 -15.27 8.02 -0.68
N ALA B 263 -14.65 8.25 -1.84
CA ALA B 263 -13.22 8.54 -1.91
C ALA B 263 -12.86 9.80 -1.14
N TYR B 264 -13.67 10.85 -1.30
CA TYR B 264 -13.39 12.11 -0.61
C TYR B 264 -13.50 11.91 0.90
N MET B 265 -14.51 11.14 1.32
CA MET B 265 -14.73 10.89 2.73
C MET B 265 -13.57 10.10 3.34
N MET B 266 -13.16 9.03 2.67
CA MET B 266 -12.06 8.22 3.16
C MET B 266 -10.80 9.09 3.23
N THR B 267 -10.58 9.88 2.19
CA THR B 267 -9.45 10.77 2.11
C THR B 267 -9.48 11.77 3.24
N ASP B 268 -10.64 12.38 3.44
CA ASP B 268 -10.80 13.38 4.48
C ASP B 268 -10.38 12.83 5.81
N MET B 269 -10.87 11.64 6.14
CA MET B 269 -10.54 11.00 7.40
C MET B 269 -9.08 10.58 7.50
N MET B 270 -8.51 10.11 6.39
CA MET B 270 -7.13 9.65 6.41
C MET B 270 -6.07 10.74 6.51
N LYS B 271 -6.42 11.98 6.23
CA LYS B 271 -5.40 13.01 6.37
C LYS B 271 -5.26 13.33 7.86
N THR B 272 -6.30 13.02 8.64
CA THR B 272 -6.28 13.26 10.09
C THR B 272 -5.45 12.17 10.79
N VAL B 273 -5.10 11.13 10.03
CA VAL B 273 -4.28 10.06 10.55
C VAL B 273 -2.85 10.61 10.61
N LEU B 274 -2.49 11.43 9.63
CA LEU B 274 -1.16 12.03 9.59
C LEU B 274 -1.06 13.22 10.54
N THR B 275 -2.17 13.94 10.69
CA THR B 275 -2.21 15.11 11.56
C THR B 275 -2.30 14.84 13.07
N TYR B 276 -3.27 14.01 13.49
CA TYR B 276 -3.43 13.70 14.92
C TYR B 276 -3.47 12.20 15.22
N GLY B 277 -3.14 11.36 14.25
CA GLY B 277 -3.19 9.93 14.46
C GLY B 277 -1.89 9.15 14.49
N THR B 278 -1.99 7.87 14.12
CA THR B 278 -0.87 6.95 14.09
C THR B 278 0.18 7.24 13.01
N GLY B 279 -0.23 7.95 11.96
CA GLY B 279 0.68 8.26 10.89
C GLY B 279 1.21 9.68 10.94
N ARG B 280 1.65 10.10 12.12
CA ARG B 280 2.14 11.45 12.31
C ARG B 280 3.58 11.63 11.85
N ASN B 281 4.32 10.53 11.70
CA ASN B 281 5.71 10.58 11.26
C ASN B 281 5.83 10.75 9.75
N ALA B 282 4.70 10.88 9.06
CA ALA B 282 4.72 11.05 7.61
C ALA B 282 4.02 12.35 7.23
N TYR B 283 3.75 13.17 8.24
CA TYR B 283 3.07 14.44 8.03
C TYR B 283 3.96 15.54 7.44
N LEU B 284 3.39 16.31 6.50
CA LEU B 284 4.08 17.42 5.84
C LEU B 284 3.10 18.59 5.78
N ALA B 285 3.36 19.61 6.59
CA ALA B 285 2.49 20.78 6.66
C ALA B 285 2.15 21.43 5.32
N TRP B 286 3.02 21.24 4.33
CA TRP B 286 2.82 21.83 3.01
C TRP B 286 2.28 20.87 1.96
N LEU B 287 1.98 19.64 2.36
CA LEU B 287 1.51 18.68 1.39
C LEU B 287 0.16 18.04 1.69
N PRO B 288 -0.85 18.29 0.82
CA PRO B 288 -2.19 17.72 0.99
C PRO B 288 -2.13 16.25 0.62
N GLN B 289 -2.14 15.41 1.65
CA GLN B 289 -2.05 13.96 1.48
C GLN B 289 -2.80 13.23 2.59
N ALA B 290 -3.04 11.94 2.36
CA ALA B 290 -3.74 11.09 3.31
C ALA B 290 -3.10 9.72 3.34
N GLY B 291 -3.19 9.05 4.50
CA GLY B 291 -2.61 7.72 4.59
C GLY B 291 -3.09 6.90 5.77
N LYS B 292 -2.62 5.67 5.86
CA LYS B 292 -2.99 4.77 6.95
C LYS B 292 -1.81 3.90 7.37
N THR B 293 -1.66 3.70 8.67
CA THR B 293 -0.58 2.88 9.21
C THR B 293 -1.06 1.48 9.54
N GLY B 294 -0.13 0.58 9.81
CA GLY B 294 -0.48 -0.79 10.15
C GLY B 294 0.63 -1.44 10.96
N THR B 295 0.25 -2.33 11.87
CA THR B 295 1.20 -3.06 12.72
C THR B 295 0.66 -4.47 12.93
N SER B 296 1.45 -5.47 12.55
CA SER B 296 1.03 -6.86 12.72
C SER B 296 1.48 -7.31 14.10
N ASN B 297 1.13 -8.53 14.49
CA ASN B 297 1.52 -9.00 15.82
C ASN B 297 2.14 -10.37 15.82
N TYR B 298 2.60 -10.77 17.00
CA TYR B 298 3.19 -12.08 17.20
C TYR B 298 2.16 -12.96 17.90
N THR B 299 2.20 -14.25 17.63
CA THR B 299 1.28 -15.18 18.27
C THR B 299 1.75 -15.37 19.71
N ASP B 300 0.94 -16.05 20.52
CA ASP B 300 1.29 -16.33 21.91
C ASP B 300 2.56 -17.16 21.97
N GLU B 301 2.62 -18.20 21.12
CA GLU B 301 3.78 -19.07 21.08
C GLU B 301 5.04 -18.21 20.85
N GLU B 302 4.93 -17.27 19.91
CA GLU B 302 6.04 -16.40 19.57
C GLU B 302 6.43 -15.44 20.69
N ILE B 303 5.45 -14.80 21.30
CA ILE B 303 5.73 -13.87 22.38
C ILE B 303 6.47 -14.54 23.54
N GLU B 304 6.07 -15.75 23.89
CA GLU B 304 6.67 -16.48 25.00
C GLU B 304 7.99 -17.18 24.73
N ASN B 305 8.08 -17.84 23.58
CA ASN B 305 9.28 -18.59 23.25
C ASN B 305 10.31 -17.89 22.41
N HIS B 306 9.97 -16.76 21.78
CA HIS B 306 10.92 -16.08 20.90
C HIS B 306 11.16 -14.61 21.12
N ILE B 307 10.20 -13.93 21.75
CA ILE B 307 10.36 -12.52 22.02
C ILE B 307 11.05 -12.33 23.35
N LYS B 308 12.24 -11.72 23.30
CA LYS B 308 13.05 -11.51 24.49
C LYS B 308 13.05 -10.09 25.07
N THR B 309 12.02 -9.31 24.76
CA THR B 309 11.93 -7.94 25.26
C THR B 309 10.51 -7.58 25.68
N SER B 310 10.41 -6.65 26.62
CA SER B 310 9.12 -6.17 27.12
C SER B 310 8.67 -4.96 26.30
N GLN B 311 9.55 -4.50 25.41
CA GLN B 311 9.29 -3.36 24.53
C GLN B 311 8.19 -3.71 23.52
N PHE B 312 7.42 -2.71 23.09
CA PHE B 312 6.37 -2.91 22.10
C PHE B 312 7.05 -3.39 20.83
N VAL B 313 6.64 -4.56 20.33
CA VAL B 313 7.26 -5.12 19.15
C VAL B 313 6.29 -5.57 18.08
N ALA B 314 6.83 -5.87 16.90
CA ALA B 314 6.01 -6.33 15.77
C ALA B 314 6.89 -6.84 14.64
N PRO B 315 6.37 -7.81 13.87
CA PRO B 315 7.11 -8.38 12.73
C PRO B 315 6.96 -7.46 11.52
N ASP B 316 5.89 -6.68 11.51
CA ASP B 316 5.61 -5.80 10.39
C ASP B 316 5.10 -4.41 10.77
N GLU B 317 5.57 -3.40 10.05
CA GLU B 317 5.13 -2.02 10.22
C GLU B 317 4.86 -1.57 8.79
N LEU B 318 3.73 -0.94 8.56
CA LEU B 318 3.39 -0.54 7.21
C LEU B 318 2.81 0.85 7.16
N PHE B 319 2.90 1.44 5.98
CA PHE B 319 2.32 2.74 5.72
C PHE B 319 1.90 2.78 4.26
N ALA B 320 0.74 3.35 4.02
CA ALA B 320 0.19 3.47 2.69
C ALA B 320 -0.48 4.83 2.63
N GLY B 321 0.14 5.73 1.89
CA GLY B 321 -0.40 7.07 1.75
C GLY B 321 -0.49 7.42 0.28
N TYR B 322 -0.88 8.66 -0.01
CA TYR B 322 -1.01 9.11 -1.38
C TYR B 322 -1.26 10.61 -1.41
N THR B 323 -0.82 11.24 -2.50
CA THR B 323 -1.05 12.67 -2.70
C THR B 323 -2.08 12.69 -3.82
N ARG B 324 -2.24 13.83 -4.47
CA ARG B 324 -3.19 13.90 -5.57
C ARG B 324 -2.60 13.33 -6.84
N LYS B 325 -1.28 13.13 -6.85
CA LYS B 325 -0.59 12.61 -8.02
C LYS B 325 0.03 11.22 -7.83
N TYR B 326 0.53 10.95 -6.63
CA TYR B 326 1.16 9.65 -6.39
C TYR B 326 0.65 8.89 -5.17
N SER B 327 0.64 7.57 -5.32
CA SER B 327 0.23 6.66 -4.26
C SER B 327 1.43 5.78 -3.95
N MET B 328 1.73 5.61 -2.66
CA MET B 328 2.88 4.80 -2.25
C MET B 328 2.61 3.94 -1.03
N ALA B 329 2.89 2.64 -1.15
CA ALA B 329 2.70 1.72 -0.02
C ALA B 329 4.08 1.20 0.40
N VAL B 330 4.33 1.21 1.70
CA VAL B 330 5.62 0.78 2.25
C VAL B 330 5.49 -0.40 3.25
N TRP B 331 6.49 -1.27 3.26
CA TRP B 331 6.52 -2.42 4.17
C TRP B 331 7.86 -2.51 4.89
N THR B 332 7.84 -2.79 6.18
CA THR B 332 9.10 -2.91 6.90
C THR B 332 9.08 -4.09 7.85
N GLY B 333 10.24 -4.69 8.05
CA GLY B 333 10.36 -5.83 8.93
C GLY B 333 11.61 -6.59 8.53
N TYR B 334 11.85 -7.73 9.17
CA TYR B 334 13.03 -8.53 8.86
C TYR B 334 12.66 -9.79 8.10
N SER B 335 13.57 -10.29 7.29
CA SER B 335 13.31 -11.52 6.53
C SER B 335 12.80 -12.61 7.46
N ASN B 336 13.30 -12.58 8.70
CA ASN B 336 12.88 -13.56 9.70
C ASN B 336 11.90 -12.84 10.61
N ARG B 337 10.61 -13.12 10.42
CA ARG B 337 9.58 -12.48 11.20
C ARG B 337 9.89 -12.51 12.69
N LEU B 338 10.66 -13.51 13.12
CA LEU B 338 11.03 -13.63 14.53
C LEU B 338 11.93 -12.52 15.07
N THR B 339 12.53 -11.73 14.19
CA THR B 339 13.37 -10.60 14.62
C THR B 339 12.39 -9.42 14.59
N PRO B 340 12.00 -8.91 15.76
CA PRO B 340 11.05 -7.79 15.85
C PRO B 340 11.54 -6.41 15.45
N LEU B 341 10.58 -5.51 15.23
CA LEU B 341 10.85 -4.12 14.93
C LEU B 341 10.70 -3.49 16.30
N VAL B 342 11.71 -2.73 16.74
CA VAL B 342 11.65 -2.14 18.07
C VAL B 342 11.84 -0.64 18.07
N GLY B 343 11.08 0.04 18.93
CA GLY B 343 11.17 1.49 19.04
C GLY B 343 11.48 2.26 17.77
N ASN B 344 12.74 2.64 17.61
CA ASN B 344 13.14 3.40 16.45
C ASN B 344 12.86 2.71 15.11
N GLY B 345 12.91 1.38 15.10
CA GLY B 345 12.66 0.64 13.88
C GLY B 345 11.25 0.75 13.36
N LEU B 346 10.29 0.96 14.26
CA LEU B 346 8.88 1.05 13.89
C LEU B 346 8.51 2.33 13.13
N THR B 347 9.31 3.38 13.28
CA THR B 347 9.05 4.64 12.60
C THR B 347 9.61 4.63 11.18
N VAL B 348 10.41 3.62 10.87
CA VAL B 348 11.03 3.50 9.55
C VAL B 348 10.09 3.58 8.34
N ALA B 349 9.01 2.81 8.33
CA ALA B 349 8.08 2.83 7.19
C ALA B 349 7.50 4.22 6.91
N ALA B 350 7.03 4.91 7.94
CA ALA B 350 6.46 6.24 7.76
C ALA B 350 7.49 7.22 7.23
N LYS B 351 8.66 7.25 7.85
CA LYS B 351 9.73 8.15 7.44
C LYS B 351 10.23 7.89 6.01
N VAL B 352 10.20 6.63 5.56
CA VAL B 352 10.62 6.29 4.20
C VAL B 352 9.61 6.85 3.22
N TYR B 353 8.35 6.86 3.64
CA TYR B 353 7.27 7.40 2.83
C TYR B 353 7.43 8.91 2.71
N ARG B 354 7.62 9.57 3.86
CA ARG B 354 7.79 11.03 3.95
C ARG B 354 8.95 11.52 3.07
N SER B 355 10.06 10.79 3.09
CA SER B 355 11.22 11.17 2.29
C SER B 355 10.94 11.05 0.79
N MET B 356 10.32 9.96 0.38
CA MET B 356 10.04 9.78 -1.03
C MET B 356 9.03 10.80 -1.52
N MET B 357 7.92 10.96 -0.79
CA MET B 357 6.88 11.91 -1.18
C MET B 357 7.38 13.35 -1.18
N THR B 358 8.39 13.63 -0.36
CA THR B 358 8.95 14.97 -0.34
C THR B 358 9.61 15.16 -1.70
N TYR B 359 10.44 14.19 -2.07
CA TYR B 359 11.16 14.21 -3.33
C TYR B 359 10.23 14.40 -4.53
N LEU B 360 9.14 13.63 -4.54
CA LEU B 360 8.18 13.64 -5.62
C LEU B 360 7.25 14.84 -5.71
N SER B 361 7.07 15.56 -4.61
CA SER B 361 6.12 16.68 -4.61
C SER B 361 6.64 18.07 -4.25
N GLU B 362 7.74 18.16 -3.53
CA GLU B 362 8.25 19.47 -3.12
C GLU B 362 8.44 20.45 -4.26
N GLY B 363 8.77 19.93 -5.44
CA GLY B 363 8.98 20.80 -6.58
C GLY B 363 7.71 21.38 -7.16
N SER B 364 6.69 20.53 -7.30
CA SER B 364 5.42 20.97 -7.87
C SER B 364 4.64 21.81 -6.87
N ASN B 365 3.47 22.24 -7.32
CA ASN B 365 2.59 23.03 -6.49
C ASN B 365 1.39 22.13 -6.30
N PRO B 366 1.45 21.27 -5.27
CA PRO B 366 0.41 20.32 -4.91
C PRO B 366 -0.95 20.93 -4.63
N GLU B 367 -1.98 20.34 -5.23
CA GLU B 367 -3.35 20.79 -5.05
C GLU B 367 -4.07 19.83 -4.10
N ASP B 368 -5.10 20.33 -3.43
CA ASP B 368 -5.89 19.54 -2.48
C ASP B 368 -7.07 18.93 -3.23
N TRP B 369 -7.89 18.18 -2.51
CA TRP B 369 -9.08 17.56 -3.09
C TRP B 369 -10.21 18.56 -2.86
N ASN B 370 -11.20 18.57 -3.75
CA ASN B 370 -12.32 19.48 -3.62
C ASN B 370 -13.58 18.70 -3.25
N ILE B 371 -14.27 19.16 -2.21
CA ILE B 371 -15.49 18.52 -1.75
C ILE B 371 -16.41 18.35 -2.95
N PRO B 372 -16.67 17.10 -3.37
CA PRO B 372 -17.54 16.83 -4.50
C PRO B 372 -19.01 17.09 -4.18
N GLU B 373 -19.83 17.20 -5.22
CA GLU B 373 -21.24 17.44 -5.00
C GLU B 373 -21.86 16.18 -4.43
N GLY B 374 -22.62 16.35 -3.35
CA GLY B 374 -23.27 15.23 -2.70
C GLY B 374 -22.81 15.12 -1.27
N LEU B 375 -22.00 16.10 -0.84
CA LEU B 375 -21.47 16.11 0.51
C LEU B 375 -21.29 17.56 0.96
N TYR B 376 -21.18 17.75 2.26
CA TYR B 376 -20.98 19.09 2.79
C TYR B 376 -20.22 19.01 4.10
N ARG B 377 -19.37 20.01 4.33
CA ARG B 377 -18.57 20.08 5.53
C ARG B 377 -19.43 20.58 6.70
N ASN B 378 -18.92 20.41 7.91
CA ASN B 378 -19.59 20.86 9.11
C ASN B 378 -18.58 20.78 10.22
N GLY B 379 -17.67 21.75 10.21
CA GLY B 379 -16.64 21.81 11.23
C GLY B 379 -15.45 20.95 10.90
N GLU B 380 -15.50 19.70 11.32
CA GLU B 380 -14.39 18.78 11.11
C GLU B 380 -14.79 17.53 10.33
N PHE B 381 -16.09 17.33 10.14
CA PHE B 381 -16.56 16.15 9.44
C PHE B 381 -17.28 16.44 8.14
N VAL B 382 -17.65 15.37 7.43
CA VAL B 382 -18.34 15.48 6.15
C VAL B 382 -19.58 14.61 6.16
N PHE B 383 -20.67 15.15 5.63
CA PHE B 383 -21.94 14.44 5.59
C PHE B 383 -22.49 14.33 4.17
N LYS B 384 -23.42 13.40 3.99
CA LYS B 384 -24.05 13.19 2.69
C LYS B 384 -25.28 14.10 2.58
N ASN B 385 -25.47 14.68 1.40
CA ASN B 385 -26.63 15.55 1.16
C ASN B 385 -27.89 14.69 1.19
ZN ZN C . 18.47 11.50 -4.61
ZN ZN D . -21.91 -1.75 17.87
ZN ZN E . -14.70 -17.68 8.63
ZN ZN F . 5.90 6.31 -25.25
ZN ZN G . 25.35 -2.65 2.82
CL CL H . -21.90 9.15 24.95
CL CL I . 16.82 -3.68 -31.82
C1 EDO J . -4.82 -10.91 14.34
O1 EDO J . -4.90 -10.14 15.54
C2 EDO J . -6.23 -11.14 13.78
O2 EDO J . -6.16 -11.97 12.62
C1 EDO K . -4.73 -7.52 17.99
O1 EDO K . -5.82 -8.31 17.50
C2 EDO K . -4.63 -7.66 19.51
O2 EDO K . -4.77 -6.38 20.12
S1 CEF L . -3.09 -1.97 16.61
C1 CEF L . -2.66 -0.35 17.25
C2 CEF L . -1.81 0.42 16.23
C3 CEF L . -0.91 1.28 16.73
C4 CEF L . -1.93 0.26 14.85
C5 CEF L . -1.07 1.06 13.87
O1 CEF L . -1.62 1.43 12.81
O2 CEF L . 0.12 1.31 14.17
N1 CEF L . -2.78 -0.62 14.30
C6 CEF L . -3.72 -1.48 15.00
C7 CEF L . -4.04 -2.73 14.14
C8 CEF L . -3.92 -2.30 12.67
O3 CEF L . -2.84 -2.32 12.09
N2 CEF L . -3.17 -3.89 14.35
C9 CEF L . -3.51 -4.90 15.14
O4 CEF L . -4.55 -4.98 15.77
C10 CEF L . -2.55 -5.97 15.16
N3 CEF L . -1.59 -6.00 16.09
O5 CEF L . -1.50 -5.03 17.05
C11 CEF L . -0.37 -5.27 17.89
C12 CEF L . -2.53 -6.93 14.09
C13 CEF L . -3.12 -6.72 12.91
S2 CEF L . -2.84 -8.04 11.93
C14 CEF L . -1.95 -8.85 13.08
N4 CEF L . -1.39 -10.06 12.94
N5 CEF L . -1.89 -8.10 14.18
#